data_4L2A
#
_entry.id   4L2A
#
_cell.length_a   45.622
_cell.length_b   103.736
_cell.length_c   50.244
_cell.angle_alpha   90.00
_cell.angle_beta   108.29
_cell.angle_gamma   90.00
#
_symmetry.space_group_name_H-M   'P 1 21 1'
#
loop_
_entity.id
_entity.type
_entity.pdbx_description
1 polymer 'Superoxide dismutase [Fe]'
2 non-polymer 'FE (III) ION'
3 water water
#
_entity_poly.entity_id   1
_entity_poly.type   'polypeptide(L)'
_entity_poly.pdbx_seq_one_letter_code
;AFELPSLPYAIDALEPHISKETLEFHHGKHHNTYVVKLNGLIPGTKFENKSLEEIVRSSDGGVFNNAAQIWNHTFYWNSL
SPNGGGAPTGAVADAINAKWGSFDAFKEALNDKAVNNFGSSWTWLVKLADGSLDIVNTSNAATPLTDDGVTPILTVDLWE
HAYYIDYRNVRPDYLKGFWSLVNWEFANANFA
;
_entity_poly.pdbx_strand_id   A,B
#
# COMPACT_ATOMS: atom_id res chain seq x y z
N ALA A 1 -25.04 13.69 5.61
CA ALA A 1 -23.66 13.13 5.60
C ALA A 1 -23.43 12.42 4.26
N PHE A 2 -22.19 12.00 4.03
CA PHE A 2 -21.84 11.35 2.78
C PHE A 2 -22.29 9.91 2.63
N GLU A 3 -22.58 9.55 1.41
CA GLU A 3 -22.99 8.19 1.17
C GLU A 3 -22.13 7.53 0.14
N LEU A 4 -22.18 6.20 0.12
CA LEU A 4 -21.41 5.43 -0.85
C LEU A 4 -22.16 5.51 -2.18
N PRO A 5 -21.50 6.00 -3.26
CA PRO A 5 -22.25 6.06 -4.53
C PRO A 5 -22.40 4.63 -5.08
N SER A 6 -23.42 4.46 -5.90
CA SER A 6 -23.65 3.18 -6.54
C SER A 6 -22.58 3.02 -7.60
N LEU A 7 -22.20 1.79 -7.82
CA LEU A 7 -21.25 1.46 -8.88
C LEU A 7 -22.00 1.84 -10.22
N PRO A 8 -21.30 2.37 -11.25
CA PRO A 8 -21.99 2.74 -12.52
C PRO A 8 -22.39 1.57 -13.44
N TYR A 9 -22.20 0.34 -12.95
CA TYR A 9 -22.43 -0.84 -13.76
C TYR A 9 -22.69 -2.05 -12.84
N ALA A 10 -23.17 -3.15 -13.40
CA ALA A 10 -23.45 -4.35 -12.57
C ALA A 10 -22.14 -4.93 -11.97
N ILE A 11 -22.30 -5.50 -10.78
CA ILE A 11 -21.23 -6.04 -10.02
C ILE A 11 -20.36 -7.03 -10.83
N ASP A 12 -20.90 -7.59 -11.90
CA ASP A 12 -20.11 -8.53 -12.70
C ASP A 12 -19.81 -8.00 -14.09
N ALA A 13 -20.09 -6.73 -14.33
CA ALA A 13 -19.92 -6.14 -15.66
C ALA A 13 -18.48 -6.00 -16.10
N LEU A 14 -17.53 -6.02 -15.18
CA LEU A 14 -16.15 -5.80 -15.59
C LEU A 14 -15.45 -7.13 -15.84
N GLU A 15 -16.17 -8.23 -15.63
CA GLU A 15 -15.58 -9.53 -15.81
C GLU A 15 -15.19 -9.69 -17.28
N PRO A 16 -14.13 -10.42 -17.55
CA PRO A 16 -13.23 -11.12 -16.64
C PRO A 16 -11.98 -10.23 -16.35
N HIS A 17 -12.06 -8.91 -16.53
CA HIS A 17 -10.84 -8.11 -16.27
C HIS A 17 -10.73 -7.78 -14.79
N ILE A 18 -11.84 -7.45 -14.15
CA ILE A 18 -11.82 -7.18 -12.72
C ILE A 18 -13.01 -8.00 -12.20
N SER A 19 -12.79 -8.81 -11.16
CA SER A 19 -13.87 -9.70 -10.73
C SER A 19 -15.01 -9.16 -9.91
N LYS A 20 -16.13 -9.90 -9.93
CA LYS A 20 -17.27 -9.57 -9.10
C LYS A 20 -16.77 -9.53 -7.66
N GLU A 21 -15.90 -10.48 -7.28
CA GLU A 21 -15.42 -10.47 -5.89
C GLU A 21 -14.61 -9.21 -5.58
N THR A 22 -13.74 -8.85 -6.53
CA THR A 22 -12.92 -7.64 -6.25
C THR A 22 -13.87 -6.42 -6.02
N LEU A 23 -14.91 -6.28 -6.86
CA LEU A 23 -15.85 -5.16 -6.77
C LEU A 23 -16.57 -5.15 -5.42
N GLU A 24 -16.96 -6.33 -4.99
CA GLU A 24 -17.69 -6.46 -3.70
C GLU A 24 -16.78 -6.01 -2.59
N PHE A 25 -15.51 -6.44 -2.64
CA PHE A 25 -14.64 -5.91 -1.58
C PHE A 25 -14.21 -4.46 -1.79
N HIS A 26 -13.78 -4.13 -3.00
CA HIS A 26 -13.25 -2.81 -3.24
C HIS A 26 -14.24 -1.71 -3.06
N HIS A 27 -15.42 -1.86 -3.66
CA HIS A 27 -16.46 -0.85 -3.57
C HIS A 27 -17.23 -1.02 -2.24
N GLY A 28 -17.70 -2.26 -2.03
CA GLY A 28 -18.50 -2.55 -0.83
C GLY A 28 -17.80 -2.44 0.54
N LYS A 29 -16.52 -2.72 0.65
CA LYS A 29 -15.85 -2.59 1.93
C LYS A 29 -14.89 -1.41 1.95
N HIS A 30 -13.86 -1.42 1.09
CA HIS A 30 -12.90 -0.31 1.20
C HIS A 30 -13.53 1.08 0.97
N HIS A 31 -14.10 1.31 -0.22
CA HIS A 31 -14.73 2.60 -0.53
C HIS A 31 -15.70 2.94 0.59
N ASN A 32 -16.61 2.01 0.90
CA ASN A 32 -17.57 2.23 1.98
C ASN A 32 -16.89 2.64 3.32
N THR A 33 -15.84 1.93 3.68
CA THR A 33 -15.15 2.27 4.91
C THR A 33 -14.66 3.70 4.93
N TYR A 34 -14.06 4.19 3.85
CA TYR A 34 -13.64 5.59 3.91
C TYR A 34 -14.86 6.48 4.14
N VAL A 35 -15.99 6.10 3.59
CA VAL A 35 -17.14 6.95 3.77
C VAL A 35 -17.58 6.92 5.25
N VAL A 36 -17.70 5.73 5.86
CA VAL A 36 -18.10 5.71 7.25
C VAL A 36 -17.08 6.49 8.07
N LYS A 37 -15.80 6.26 7.83
CA LYS A 37 -14.79 6.97 8.61
C LYS A 37 -14.91 8.47 8.53
N LEU A 38 -15.06 9.02 7.33
CA LEU A 38 -15.20 10.49 7.20
C LEU A 38 -16.44 10.98 7.95
N ASN A 39 -17.56 10.33 7.72
CA ASN A 39 -18.79 10.72 8.40
C ASN A 39 -18.59 10.67 9.92
N GLY A 40 -17.72 9.77 10.41
CA GLY A 40 -17.49 9.68 11.83
C GLY A 40 -16.52 10.75 12.29
N LEU A 41 -15.84 11.40 11.36
CA LEU A 41 -14.86 12.43 11.72
C LEU A 41 -15.31 13.89 11.59
N ILE A 42 -16.24 14.15 10.69
CA ILE A 42 -16.65 15.53 10.50
C ILE A 42 -17.71 16.10 11.46
N PRO A 43 -18.55 15.26 12.09
CA PRO A 43 -19.55 15.90 12.97
C PRO A 43 -18.98 16.91 13.95
N GLY A 44 -19.72 18.02 14.07
CA GLY A 44 -19.35 19.13 14.95
C GLY A 44 -17.97 19.66 14.65
N THR A 45 -17.64 19.85 13.37
CA THR A 45 -16.34 20.38 12.95
C THR A 45 -16.55 21.33 11.77
N LYS A 46 -15.47 22.03 11.42
CA LYS A 46 -15.45 22.99 10.31
C LYS A 46 -15.58 22.36 8.91
N PHE A 47 -15.93 21.09 8.86
CA PHE A 47 -16.05 20.34 7.61
C PHE A 47 -17.47 19.71 7.47
N GLU A 48 -18.24 19.67 8.57
CA GLU A 48 -19.57 19.05 8.55
C GLU A 48 -20.50 19.58 7.54
N ASN A 49 -20.29 20.83 7.16
CA ASN A 49 -21.15 21.44 6.17
C ASN A 49 -20.59 21.38 4.75
N LYS A 50 -19.27 21.32 4.63
CA LYS A 50 -18.60 21.33 3.32
C LYS A 50 -18.84 20.12 2.39
N SER A 51 -18.71 20.35 1.08
CA SER A 51 -18.89 19.25 0.13
C SER A 51 -17.59 18.43 0.08
N LEU A 52 -17.68 17.24 -0.49
CA LEU A 52 -16.52 16.39 -0.55
C LEU A 52 -15.29 17.08 -1.08
N GLU A 53 -15.45 17.74 -2.22
CA GLU A 53 -14.30 18.41 -2.82
C GLU A 53 -13.79 19.55 -1.96
N GLU A 54 -14.65 20.23 -1.24
CA GLU A 54 -14.12 21.32 -0.41
C GLU A 54 -13.34 20.69 0.71
N ILE A 55 -13.85 19.59 1.26
CA ILE A 55 -13.10 18.98 2.33
C ILE A 55 -11.73 18.50 1.84
N VAL A 56 -11.69 17.77 0.73
CA VAL A 56 -10.40 17.25 0.27
C VAL A 56 -9.40 18.39 0.05
N ARG A 57 -9.88 19.52 -0.46
CA ARG A 57 -8.97 20.61 -0.71
C ARG A 57 -8.65 21.52 0.48
N SER A 58 -9.18 21.23 1.68
CA SER A 58 -8.88 22.05 2.87
C SER A 58 -8.60 21.30 4.19
N SER A 59 -8.12 20.06 4.08
CA SER A 59 -7.83 19.25 5.24
C SER A 59 -6.50 18.58 5.12
N ASP A 60 -6.13 17.87 6.17
CA ASP A 60 -4.91 17.11 6.24
C ASP A 60 -5.24 15.95 7.16
N GLY A 61 -4.27 15.09 7.41
CA GLY A 61 -4.46 13.95 8.27
C GLY A 61 -5.61 13.04 7.90
N GLY A 62 -6.19 12.44 8.95
CA GLY A 62 -7.29 11.54 8.80
C GLY A 62 -8.42 12.09 7.94
N VAL A 63 -8.76 13.36 8.13
CA VAL A 63 -9.86 13.90 7.37
C VAL A 63 -9.49 13.91 5.89
N PHE A 64 -8.31 14.44 5.59
CA PHE A 64 -7.86 14.41 4.18
C PHE A 64 -7.81 12.91 3.63
N ASN A 65 -7.11 12.01 4.32
CA ASN A 65 -7.01 10.64 3.82
C ASN A 65 -8.36 10.00 3.49
N ASN A 66 -9.34 10.12 4.37
CA ASN A 66 -10.64 9.56 4.04
C ASN A 66 -11.44 10.30 2.98
N ALA A 67 -11.47 11.64 3.01
CA ALA A 67 -12.25 12.37 2.01
C ALA A 67 -11.68 12.11 0.61
N ALA A 68 -10.37 12.33 0.48
CA ALA A 68 -9.64 12.11 -0.81
C ALA A 68 -9.89 10.69 -1.29
N GLN A 69 -9.78 9.70 -0.40
CA GLN A 69 -10.01 8.32 -0.85
C GLN A 69 -11.41 8.14 -1.35
N ILE A 70 -12.38 8.76 -0.70
CA ILE A 70 -13.72 8.61 -1.22
C ILE A 70 -13.76 9.24 -2.62
N TRP A 71 -13.13 10.39 -2.78
CA TRP A 71 -13.17 11.04 -4.11
C TRP A 71 -12.44 10.20 -5.20
N ASN A 72 -11.24 9.74 -4.87
CA ASN A 72 -10.40 8.97 -5.79
C ASN A 72 -11.11 7.67 -6.23
N HIS A 73 -11.74 6.96 -5.28
CA HIS A 73 -12.42 5.75 -5.67
C HIS A 73 -13.60 6.02 -6.55
N THR A 74 -14.35 7.06 -6.24
CA THR A 74 -15.49 7.38 -7.10
C THR A 74 -15.00 7.65 -8.55
N PHE A 75 -13.94 8.45 -8.65
CA PHE A 75 -13.33 8.79 -9.93
C PHE A 75 -12.79 7.48 -10.64
N TYR A 76 -12.27 6.55 -9.84
CA TYR A 76 -11.78 5.29 -10.35
C TYR A 76 -12.92 4.42 -10.96
N TRP A 77 -14.05 4.31 -10.27
CA TRP A 77 -15.17 3.50 -10.78
C TRP A 77 -15.61 4.07 -12.11
N ASN A 78 -15.60 5.39 -12.22
CA ASN A 78 -15.96 6.02 -13.47
C ASN A 78 -14.91 5.88 -14.56
N SER A 79 -13.66 5.60 -14.19
CA SER A 79 -12.61 5.46 -15.20
C SER A 79 -12.62 4.10 -15.95
N LEU A 80 -13.56 3.25 -15.55
CA LEU A 80 -13.77 1.87 -16.07
C LEU A 80 -15.20 1.75 -16.61
N SER A 81 -15.42 0.77 -17.50
CA SER A 81 -16.76 0.56 -18.04
C SER A 81 -16.86 -0.73 -18.78
N PRO A 82 -18.03 -1.42 -18.67
CA PRO A 82 -18.17 -2.70 -19.42
C PRO A 82 -18.12 -2.37 -20.92
N ASN A 83 -18.19 -1.08 -21.26
CA ASN A 83 -18.15 -0.72 -22.68
C ASN A 83 -16.93 0.07 -23.06
N GLY A 84 -15.95 0.10 -22.19
CA GLY A 84 -14.73 0.85 -22.44
C GLY A 84 -13.68 -0.05 -23.09
N GLY A 85 -12.40 0.26 -22.86
CA GLY A 85 -11.33 -0.50 -23.47
C GLY A 85 -11.03 -0.12 -24.94
N GLY A 86 -10.01 -0.76 -25.50
CA GLY A 86 -9.66 -0.52 -26.89
C GLY A 86 -9.05 0.86 -27.07
N ALA A 87 -8.99 1.26 -28.32
CA ALA A 87 -8.48 2.56 -28.80
C ALA A 87 -9.15 3.79 -28.24
N PRO A 88 -8.37 4.84 -27.90
CA PRO A 88 -9.03 6.05 -27.39
C PRO A 88 -9.84 6.71 -28.54
N THR A 89 -10.76 7.59 -28.18
CA THR A 89 -11.55 8.27 -29.20
C THR A 89 -11.70 9.77 -28.94
N GLY A 90 -12.15 10.49 -29.97
CA GLY A 90 -12.44 11.90 -29.78
C GLY A 90 -11.30 12.74 -29.35
N ALA A 91 -11.62 13.82 -28.64
CA ALA A 91 -10.62 14.80 -28.22
C ALA A 91 -9.41 14.21 -27.47
N VAL A 92 -9.68 13.29 -26.56
CA VAL A 92 -8.59 12.66 -25.80
C VAL A 92 -7.66 11.85 -26.70
N ALA A 93 -8.19 11.11 -27.65
CA ALA A 93 -7.35 10.32 -28.58
C ALA A 93 -6.39 11.27 -29.28
N ASP A 94 -6.94 12.40 -29.73
CA ASP A 94 -6.09 13.37 -30.41
C ASP A 94 -5.11 14.08 -29.47
N ALA A 95 -5.52 14.38 -28.22
CA ALA A 95 -4.60 15.05 -27.27
C ALA A 95 -3.46 14.13 -26.82
N ILE A 96 -3.71 12.81 -26.85
CA ILE A 96 -2.70 11.83 -26.48
C ILE A 96 -1.65 11.82 -27.63
N ASN A 97 -2.17 11.76 -28.85
CA ASN A 97 -1.29 11.78 -30.01
C ASN A 97 -0.46 13.05 -29.95
N ALA A 98 -1.08 14.18 -29.60
CA ALA A 98 -0.27 15.40 -29.57
C ALA A 98 0.89 15.39 -28.55
N LYS A 99 0.66 14.78 -27.40
CA LYS A 99 1.71 14.77 -26.38
C LYS A 99 2.78 13.66 -26.55
N TRP A 100 2.31 12.45 -26.85
CA TRP A 100 3.20 11.30 -26.91
C TRP A 100 3.52 10.82 -28.33
N GLY A 101 2.88 11.43 -29.34
CA GLY A 101 3.10 11.01 -30.74
C GLY A 101 2.18 9.88 -31.14
N SER A 102 1.86 8.97 -30.20
CA SER A 102 0.99 7.84 -30.52
C SER A 102 0.32 7.23 -29.27
N PHE A 103 -0.76 6.52 -29.46
CA PHE A 103 -1.43 5.88 -28.34
C PHE A 103 -0.54 4.84 -27.69
N ASP A 104 0.15 4.05 -28.51
CA ASP A 104 1.10 3.02 -27.99
C ASP A 104 2.20 3.63 -27.09
N ALA A 105 2.86 4.72 -27.53
CA ALA A 105 3.90 5.29 -26.66
C ALA A 105 3.28 5.76 -25.32
N PHE A 106 2.06 6.29 -25.38
CA PHE A 106 1.35 6.81 -24.20
C PHE A 106 1.07 5.65 -23.24
N LYS A 107 0.56 4.57 -23.79
CA LYS A 107 0.25 3.37 -23.01
C LYS A 107 1.51 2.78 -22.36
N GLU A 108 2.61 2.77 -23.09
CA GLU A 108 3.78 2.22 -22.47
C GLU A 108 4.28 3.18 -21.41
N ALA A 109 4.14 4.48 -21.63
CA ALA A 109 4.58 5.50 -20.63
C ALA A 109 3.72 5.36 -19.35
N LEU A 110 2.42 5.18 -19.51
CA LEU A 110 1.59 5.06 -18.34
C LEU A 110 1.86 3.74 -17.58
N ASN A 111 2.01 2.65 -18.32
CA ASN A 111 2.26 1.32 -17.72
C ASN A 111 3.56 1.43 -16.90
N ASP A 112 4.56 2.12 -17.44
CA ASP A 112 5.87 2.26 -16.75
C ASP A 112 5.71 3.04 -15.43
N LYS A 113 4.91 4.11 -15.47
CA LYS A 113 4.69 4.90 -14.28
C LYS A 113 3.87 4.06 -13.25
N ALA A 114 2.87 3.32 -13.73
CA ALA A 114 1.99 2.55 -12.83
C ALA A 114 2.72 1.36 -12.20
N VAL A 115 3.53 0.61 -12.96
CA VAL A 115 4.17 -0.57 -12.33
C VAL A 115 5.20 -0.09 -11.31
N ASN A 116 5.82 1.06 -11.58
CA ASN A 116 6.82 1.58 -10.65
C ASN A 116 6.27 2.61 -9.62
N ASN A 117 4.94 2.68 -9.45
CA ASN A 117 4.39 3.62 -8.52
C ASN A 117 4.46 2.81 -7.20
N PHE A 118 5.50 3.08 -6.41
CA PHE A 118 5.79 2.37 -5.19
C PHE A 118 4.73 2.41 -4.10
N GLY A 119 4.45 1.27 -3.52
CA GLY A 119 3.44 1.18 -2.44
C GLY A 119 2.00 1.54 -2.87
N SER A 120 1.16 1.94 -1.90
CA SER A 120 -0.25 2.26 -2.21
C SER A 120 -0.20 3.57 -2.98
N SER A 121 -0.82 3.57 -4.16
CA SER A 121 -0.70 4.73 -4.99
C SER A 121 -1.73 4.81 -6.06
N TRP A 122 -1.71 5.90 -6.81
CA TRP A 122 -2.62 6.14 -7.92
C TRP A 122 -1.80 6.72 -9.07
N THR A 123 -2.10 6.29 -10.30
CA THR A 123 -1.45 6.83 -11.50
C THR A 123 -2.60 7.54 -12.27
N TRP A 124 -2.39 8.80 -12.64
CA TRP A 124 -3.40 9.61 -13.28
C TRP A 124 -3.02 10.12 -14.65
N LEU A 125 -4.02 10.19 -15.52
CA LEU A 125 -3.87 10.87 -16.83
C LEU A 125 -4.51 12.23 -16.42
N VAL A 126 -3.74 13.30 -16.47
CA VAL A 126 -4.23 14.64 -16.11
C VAL A 126 -4.09 15.68 -17.21
N LYS A 127 -4.92 16.73 -17.12
CA LYS A 127 -4.85 17.81 -18.08
C LYS A 127 -4.29 18.99 -17.30
N LEU A 128 -3.14 19.46 -17.78
CA LEU A 128 -2.37 20.55 -17.21
C LEU A 128 -2.84 21.98 -17.49
N ALA A 129 -2.37 22.94 -16.67
CA ALA A 129 -2.79 24.35 -16.87
C ALA A 129 -2.60 24.74 -18.33
N ASP A 130 -1.45 24.38 -18.92
CA ASP A 130 -1.27 24.71 -20.35
C ASP A 130 -2.17 23.98 -21.34
N GLY A 131 -2.96 23.00 -20.91
CA GLY A 131 -3.86 22.35 -21.86
C GLY A 131 -3.34 21.03 -22.41
N SER A 132 -2.10 20.73 -22.05
CA SER A 132 -1.50 19.47 -22.52
C SER A 132 -1.70 18.31 -21.52
N LEU A 133 -1.83 17.10 -22.06
CA LEU A 133 -1.97 15.89 -21.21
C LEU A 133 -0.64 15.47 -20.58
N ASP A 134 -0.72 14.89 -19.39
CA ASP A 134 0.47 14.33 -18.78
C ASP A 134 0.08 13.16 -17.86
N ILE A 135 1.05 12.39 -17.38
CA ILE A 135 0.77 11.25 -16.48
C ILE A 135 1.47 11.55 -15.15
N VAL A 136 0.75 11.49 -14.05
CA VAL A 136 1.40 11.75 -12.79
C VAL A 136 1.03 10.69 -11.80
N ASN A 137 1.96 10.36 -10.92
CA ASN A 137 1.73 9.38 -9.86
C ASN A 137 1.48 10.12 -8.54
N THR A 138 0.51 9.67 -7.74
CA THR A 138 0.35 10.23 -6.39
C THR A 138 0.41 9.02 -5.44
N SER A 139 0.91 9.25 -4.21
CA SER A 139 0.99 8.26 -3.12
C SER A 139 -0.17 8.34 -2.16
N ASN A 140 -0.56 7.16 -1.67
CA ASN A 140 -1.62 6.96 -0.69
C ASN A 140 -2.94 7.63 -1.05
N ALA A 141 -3.34 8.71 -0.35
CA ALA A 141 -4.60 9.37 -0.78
C ALA A 141 -4.41 10.66 -1.63
N ALA A 142 -3.17 11.08 -1.85
CA ALA A 142 -2.93 12.28 -2.61
C ALA A 142 -3.64 12.19 -3.95
N THR A 143 -4.12 13.33 -4.43
CA THR A 143 -4.87 13.37 -5.66
C THR A 143 -4.64 14.70 -6.37
N PRO A 144 -4.74 14.71 -7.71
CA PRO A 144 -4.53 15.99 -8.43
C PRO A 144 -5.69 16.94 -8.18
N LEU A 145 -6.75 16.47 -7.54
CA LEU A 145 -7.86 17.34 -7.26
C LEU A 145 -7.38 18.54 -6.44
N THR A 146 -6.31 18.38 -5.68
CA THR A 146 -5.83 19.50 -4.91
C THR A 146 -4.85 20.41 -5.66
N ASP A 147 -4.45 20.06 -6.90
CA ASP A 147 -3.57 20.92 -7.69
C ASP A 147 -4.32 21.85 -8.63
N ASP A 148 -4.36 23.14 -8.28
CA ASP A 148 -5.00 24.19 -9.11
C ASP A 148 -4.56 24.10 -10.56
N GLY A 149 -5.50 24.21 -11.48
CA GLY A 149 -5.13 24.17 -12.88
C GLY A 149 -4.78 22.82 -13.44
N VAL A 150 -4.96 21.75 -12.65
CA VAL A 150 -4.66 20.41 -13.17
C VAL A 150 -5.95 19.64 -13.21
N THR A 151 -6.35 19.12 -14.37
CA THR A 151 -7.63 18.41 -14.44
C THR A 151 -7.54 16.86 -14.55
N PRO A 152 -7.99 16.15 -13.50
CA PRO A 152 -7.91 14.69 -13.59
C PRO A 152 -8.78 14.20 -14.71
N ILE A 153 -8.25 13.32 -15.54
CA ILE A 153 -9.10 12.81 -16.58
C ILE A 153 -9.38 11.30 -16.45
N LEU A 154 -8.42 10.53 -15.93
CA LEU A 154 -8.61 9.07 -15.68
C LEU A 154 -7.65 8.67 -14.56
N THR A 155 -7.97 7.60 -13.82
CA THR A 155 -7.10 7.13 -12.80
C THR A 155 -7.10 5.59 -12.73
N VAL A 156 -5.96 5.04 -12.32
CA VAL A 156 -5.91 3.62 -12.08
C VAL A 156 -5.45 3.46 -10.62
N ASP A 157 -6.25 2.75 -9.87
CA ASP A 157 -5.92 2.51 -8.46
C ASP A 157 -4.82 1.43 -8.43
N LEU A 158 -3.71 1.71 -7.75
CA LEU A 158 -2.63 0.76 -7.62
C LEU A 158 -2.42 0.26 -6.16
N TRP A 159 -3.32 0.65 -5.26
CA TRP A 159 -3.31 0.04 -3.92
C TRP A 159 -3.48 -1.49 -4.24
N GLU A 160 -2.80 -2.35 -3.48
CA GLU A 160 -2.89 -3.80 -3.76
C GLU A 160 -4.33 -4.40 -3.63
N HIS A 161 -5.23 -3.82 -2.82
CA HIS A 161 -6.60 -4.36 -2.77
C HIS A 161 -7.29 -4.21 -4.09
N ALA A 162 -6.79 -3.31 -4.94
CA ALA A 162 -7.46 -3.16 -6.24
C ALA A 162 -7.30 -4.39 -7.21
N TYR A 163 -6.24 -5.17 -7.02
CA TYR A 163 -6.00 -6.27 -7.93
C TYR A 163 -5.54 -7.54 -7.29
N TYR A 164 -5.17 -7.48 -6.01
CA TYR A 164 -4.62 -8.72 -5.42
C TYR A 164 -5.47 -10.00 -5.58
N ILE A 165 -6.79 -9.88 -5.42
CA ILE A 165 -7.66 -11.05 -5.51
C ILE A 165 -7.59 -11.69 -6.90
N ASP A 166 -7.51 -10.84 -7.94
CA ASP A 166 -7.51 -11.27 -9.32
C ASP A 166 -6.15 -11.49 -9.91
N TYR A 167 -5.13 -10.78 -9.45
CA TYR A 167 -3.83 -10.90 -10.07
C TYR A 167 -2.65 -11.05 -9.10
N ARG A 168 -2.95 -11.11 -7.82
CA ARG A 168 -1.93 -11.22 -6.80
C ARG A 168 -0.84 -10.12 -7.00
N ASN A 169 0.41 -10.54 -7.10
CA ASN A 169 1.53 -9.58 -7.22
C ASN A 169 1.79 -9.03 -8.62
N VAL A 170 1.06 -9.52 -9.63
CA VAL A 170 1.38 -9.12 -10.99
C VAL A 170 0.62 -7.88 -11.54
N ARG A 171 1.16 -6.70 -11.21
CA ARG A 171 0.56 -5.46 -11.68
C ARG A 171 0.45 -5.41 -13.21
N PRO A 172 1.43 -5.98 -13.94
CA PRO A 172 1.26 -5.89 -15.41
C PRO A 172 -0.04 -6.54 -15.89
N ASP A 173 -0.45 -7.64 -15.28
CA ASP A 173 -1.70 -8.27 -15.74
C ASP A 173 -2.90 -7.44 -15.38
N TYR A 174 -2.85 -6.85 -14.18
CA TYR A 174 -3.96 -5.99 -13.75
C TYR A 174 -4.00 -4.84 -14.78
N LEU A 175 -2.84 -4.29 -15.11
CA LEU A 175 -2.82 -3.19 -16.08
C LEU A 175 -3.42 -3.61 -17.41
N LYS A 176 -3.21 -4.89 -17.79
CA LYS A 176 -3.85 -5.35 -19.05
C LYS A 176 -5.35 -5.31 -18.84
N GLY A 177 -5.80 -5.67 -17.64
CA GLY A 177 -7.23 -5.60 -17.48
C GLY A 177 -7.75 -4.14 -17.60
N PHE A 178 -7.02 -3.20 -17.00
CA PHE A 178 -7.44 -1.80 -17.05
C PHE A 178 -7.59 -1.33 -18.51
N TRP A 179 -6.64 -1.69 -19.36
CA TRP A 179 -6.73 -1.23 -20.74
C TRP A 179 -7.93 -1.81 -21.47
N SER A 180 -8.46 -2.95 -20.99
CA SER A 180 -9.65 -3.53 -21.62
C SER A 180 -10.91 -2.86 -21.10
N LEU A 181 -10.74 -2.10 -20.03
CA LEU A 181 -11.84 -1.44 -19.39
C LEU A 181 -11.89 0.09 -19.47
N VAL A 182 -10.78 0.74 -19.80
CA VAL A 182 -10.68 2.22 -19.79
C VAL A 182 -11.91 2.89 -20.37
N ASN A 183 -12.43 3.88 -19.64
CA ASN A 183 -13.64 4.58 -20.02
C ASN A 183 -13.28 5.89 -20.75
N TRP A 184 -13.15 5.79 -22.08
CA TRP A 184 -12.81 6.94 -22.91
C TRP A 184 -13.93 7.99 -22.91
N GLU A 185 -15.20 7.60 -22.72
CA GLU A 185 -16.28 8.58 -22.65
C GLU A 185 -16.06 9.43 -21.39
N PHE A 186 -15.82 8.79 -20.23
CA PHE A 186 -15.54 9.52 -18.98
C PHE A 186 -14.35 10.44 -19.22
N ALA A 187 -13.31 9.90 -19.84
CA ALA A 187 -12.13 10.74 -20.09
C ALA A 187 -12.43 12.01 -20.99
N ASN A 188 -13.19 11.82 -22.04
CA ASN A 188 -13.54 12.89 -22.96
C ASN A 188 -14.43 13.92 -22.23
N ALA A 189 -15.40 13.44 -21.41
CA ALA A 189 -16.23 14.34 -20.59
C ALA A 189 -15.35 15.22 -19.66
N ASN A 190 -14.35 14.63 -19.01
CA ASN A 190 -13.45 15.39 -18.14
C ASN A 190 -12.56 16.36 -18.90
N PHE A 191 -12.09 15.92 -20.07
CA PHE A 191 -11.18 16.73 -20.91
C PHE A 191 -11.87 17.97 -21.49
N ALA A 192 -13.07 17.76 -22.00
CA ALA A 192 -13.89 18.81 -22.60
C ALA A 192 -14.67 19.52 -21.50
N ALA B 1 26.18 -10.53 -5.13
CA ALA B 1 24.73 -10.35 -5.31
C ALA B 1 24.01 -10.87 -4.08
N PHE B 2 22.89 -10.26 -3.80
CA PHE B 2 22.11 -10.64 -2.67
C PHE B 2 21.28 -11.83 -3.00
N GLU B 3 20.89 -12.56 -1.98
CA GLU B 3 20.05 -13.73 -2.16
C GLU B 3 18.79 -13.71 -1.28
N LEU B 4 17.78 -14.48 -1.69
CA LEU B 4 16.56 -14.55 -0.92
C LEU B 4 16.84 -15.50 0.24
N PRO B 5 16.75 -15.01 1.49
CA PRO B 5 17.01 -15.88 2.66
C PRO B 5 15.92 -16.93 2.73
N SER B 6 16.24 -18.10 3.27
CA SER B 6 15.23 -19.16 3.38
C SER B 6 14.23 -18.72 4.46
N LEU B 7 13.05 -19.31 4.43
CA LEU B 7 12.05 -18.98 5.44
C LEU B 7 12.52 -19.77 6.67
N PRO B 8 12.43 -19.20 7.90
CA PRO B 8 12.89 -19.94 9.12
C PRO B 8 12.01 -21.15 9.54
N TYR B 9 10.95 -21.40 8.79
CA TYR B 9 10.04 -22.47 9.12
C TYR B 9 9.33 -22.94 7.84
N ALA B 10 8.82 -24.16 7.88
CA ALA B 10 8.05 -24.78 6.78
C ALA B 10 6.93 -23.83 6.26
N ILE B 11 6.62 -23.91 4.96
CA ILE B 11 5.59 -23.03 4.39
C ILE B 11 4.21 -23.12 5.00
N ASP B 12 3.92 -24.19 5.71
CA ASP B 12 2.61 -24.31 6.36
C ASP B 12 2.70 -24.15 7.88
N ALA B 13 3.90 -23.89 8.38
CA ALA B 13 4.08 -23.77 9.84
C ALA B 13 3.30 -22.63 10.49
N LEU B 14 2.84 -21.63 9.73
CA LEU B 14 2.15 -20.52 10.37
C LEU B 14 0.64 -20.66 10.31
N GLU B 15 0.16 -21.79 9.72
CA GLU B 15 -1.29 -22.04 9.60
C GLU B 15 -1.82 -22.23 11.03
N PRO B 16 -3.05 -21.84 11.31
CA PRO B 16 -3.99 -21.22 10.40
C PRO B 16 -3.96 -19.68 10.55
N HIS B 17 -2.84 -19.13 11.06
CA HIS B 17 -2.78 -17.65 11.22
C HIS B 17 -2.33 -16.94 9.96
N ILE B 18 -1.37 -17.52 9.26
CA ILE B 18 -0.91 -17.01 8.00
C ILE B 18 -0.79 -18.23 7.12
N SER B 19 -1.55 -18.25 6.00
CA SER B 19 -1.57 -19.38 5.06
C SER B 19 -0.31 -19.76 4.28
N LYS B 20 -0.25 -21.02 3.86
CA LYS B 20 0.82 -21.50 3.00
C LYS B 20 0.80 -20.62 1.76
N GLU B 21 -0.38 -20.31 1.24
CA GLU B 21 -0.41 -19.48 0.01
C GLU B 21 0.17 -18.09 0.26
N THR B 22 -0.21 -17.48 1.38
CA THR B 22 0.31 -16.12 1.62
C THR B 22 1.85 -16.16 1.64
N LEU B 23 2.40 -17.14 2.36
CA LEU B 23 3.87 -17.27 2.45
C LEU B 23 4.46 -17.51 1.06
N GLU B 24 3.77 -18.31 0.26
CA GLU B 24 4.32 -18.54 -1.10
C GLU B 24 4.41 -17.24 -1.93
N PHE B 25 3.40 -16.40 -1.87
CA PHE B 25 3.51 -15.19 -2.69
C PHE B 25 4.38 -14.15 -1.98
N HIS B 26 4.17 -14.04 -0.67
CA HIS B 26 4.85 -12.97 0.08
C HIS B 26 6.34 -13.18 0.13
N HIS B 27 6.78 -14.39 0.50
CA HIS B 27 8.23 -14.66 0.54
C HIS B 27 8.73 -14.95 -0.90
N GLY B 28 7.99 -15.89 -1.50
CA GLY B 28 8.36 -16.36 -2.81
C GLY B 28 8.39 -15.41 -3.95
N LYS B 29 7.48 -14.44 -3.97
CA LYS B 29 7.42 -13.49 -5.07
C LYS B 29 7.78 -12.07 -4.61
N HIS B 30 7.03 -11.57 -3.63
CA HIS B 30 7.27 -10.22 -3.18
C HIS B 30 8.69 -10.06 -2.65
N HIS B 31 9.09 -10.81 -1.62
CA HIS B 31 10.46 -10.67 -1.06
C HIS B 31 11.51 -10.84 -2.16
N ASN B 32 11.34 -11.93 -2.91
CA ASN B 32 12.22 -12.28 -4.03
C ASN B 32 12.36 -11.13 -5.01
N THR B 33 11.26 -10.53 -5.38
CA THR B 33 11.33 -9.46 -6.31
C THR B 33 12.24 -8.32 -5.86
N TYR B 34 12.20 -7.98 -4.56
CA TYR B 34 13.05 -6.92 -4.07
C TYR B 34 14.49 -7.34 -4.25
N VAL B 35 14.76 -8.61 -4.01
CA VAL B 35 16.16 -9.09 -4.13
C VAL B 35 16.60 -8.99 -5.62
N VAL B 36 15.81 -9.48 -6.58
CA VAL B 36 16.27 -9.37 -7.96
C VAL B 36 16.33 -7.90 -8.39
N LYS B 37 15.36 -7.08 -7.98
CA LYS B 37 15.48 -5.70 -8.43
C LYS B 37 16.73 -5.06 -7.89
N LEU B 38 17.04 -5.23 -6.61
CA LEU B 38 18.27 -4.55 -6.10
C LEU B 38 19.53 -5.03 -6.81
N ASN B 39 19.64 -6.33 -6.99
CA ASN B 39 20.78 -6.93 -7.66
C ASN B 39 20.96 -6.25 -9.04
N GLY B 40 19.84 -5.93 -9.68
CA GLY B 40 19.88 -5.28 -10.98
C GLY B 40 20.27 -3.82 -10.89
N LEU B 41 19.99 -3.20 -9.75
CA LEU B 41 20.29 -1.79 -9.60
C LEU B 41 21.69 -1.38 -9.16
N ILE B 42 22.35 -2.22 -8.37
CA ILE B 42 23.61 -1.82 -7.83
C ILE B 42 24.83 -1.82 -8.70
N PRO B 43 24.93 -2.78 -9.62
CA PRO B 43 26.13 -2.76 -10.46
C PRO B 43 26.43 -1.35 -11.04
N GLY B 44 27.71 -0.97 -10.99
CA GLY B 44 28.15 0.29 -11.53
C GLY B 44 27.86 1.50 -10.69
N THR B 45 27.69 1.29 -9.37
CA THR B 45 27.46 2.41 -8.43
C THR B 45 28.33 2.13 -7.23
N LYS B 46 28.41 3.10 -6.32
CA LYS B 46 29.24 2.89 -5.15
C LYS B 46 28.49 2.05 -4.13
N PHE B 47 27.65 1.12 -4.61
CA PHE B 47 26.89 0.20 -3.76
C PHE B 47 27.20 -1.27 -3.99
N GLU B 48 27.72 -1.64 -5.16
CA GLU B 48 27.97 -3.09 -5.46
C GLU B 48 28.79 -3.93 -4.49
N ASN B 49 29.67 -3.26 -3.75
CA ASN B 49 30.56 -3.90 -2.80
C ASN B 49 30.05 -3.88 -1.34
N LYS B 50 29.14 -2.94 -1.06
CA LYS B 50 28.58 -2.74 0.28
C LYS B 50 27.51 -3.70 0.79
N SER B 51 27.43 -3.79 2.13
CA SER B 51 26.46 -4.61 2.88
C SER B 51 25.00 -4.24 2.63
N LEU B 52 24.08 -5.18 2.73
CA LEU B 52 22.67 -4.80 2.62
C LEU B 52 22.38 -3.64 3.59
N GLU B 53 22.80 -3.80 4.86
CA GLU B 53 22.53 -2.73 5.84
C GLU B 53 23.27 -1.48 5.47
N GLU B 54 24.46 -1.62 4.93
CA GLU B 54 25.17 -0.40 4.52
C GLU B 54 24.40 0.35 3.45
N ILE B 55 23.87 -0.36 2.48
CA ILE B 55 23.11 0.29 1.42
C ILE B 55 21.86 0.95 1.96
N VAL B 56 21.10 0.22 2.78
CA VAL B 56 19.88 0.82 3.24
C VAL B 56 20.21 2.11 3.98
N ARG B 57 21.32 2.13 4.70
CA ARG B 57 21.66 3.35 5.42
C ARG B 57 22.30 4.49 4.64
N SER B 58 22.53 4.31 3.33
CA SER B 58 23.12 5.40 2.53
C SER B 58 22.52 5.62 1.12
N SER B 59 21.31 5.15 0.88
CA SER B 59 20.70 5.30 -0.42
C SER B 59 19.35 5.97 -0.31
N ASP B 60 18.76 6.23 -1.47
CA ASP B 60 17.42 6.80 -1.56
C ASP B 60 16.80 6.25 -2.83
N GLY B 61 15.67 6.78 -3.22
CA GLY B 61 15.00 6.33 -4.43
C GLY B 61 14.88 4.83 -4.50
N GLY B 62 15.02 4.33 -5.73
CA GLY B 62 14.87 2.92 -5.98
C GLY B 62 15.77 1.94 -5.25
N VAL B 63 17.04 2.27 -5.13
CA VAL B 63 17.95 1.37 -4.47
C VAL B 63 17.48 1.26 -3.03
N PHE B 64 17.11 2.39 -2.42
CA PHE B 64 16.61 2.34 -1.01
C PHE B 64 15.33 1.46 -0.91
N ASN B 65 14.32 1.78 -1.72
CA ASN B 65 13.08 1.04 -1.66
C ASN B 65 13.31 -0.44 -1.70
N ASN B 66 14.14 -0.91 -2.65
CA ASN B 66 14.44 -2.32 -2.70
C ASN B 66 15.29 -2.87 -1.58
N ALA B 67 16.44 -2.25 -1.31
CA ALA B 67 17.32 -2.78 -0.23
C ALA B 67 16.57 -2.80 1.13
N ALA B 68 15.83 -1.73 1.43
CA ALA B 68 15.07 -1.66 2.69
C ALA B 68 13.97 -2.73 2.75
N GLN B 69 13.24 -2.94 1.65
CA GLN B 69 12.23 -3.98 1.69
C GLN B 69 12.86 -5.34 1.92
N ILE B 70 14.06 -5.55 1.39
CA ILE B 70 14.66 -6.87 1.58
C ILE B 70 14.93 -7.01 3.07
N TRP B 71 15.49 -5.97 3.66
CA TRP B 71 15.81 -6.03 5.08
C TRP B 71 14.55 -6.21 5.94
N ASN B 72 13.54 -5.39 5.66
CA ASN B 72 12.29 -5.41 6.45
C ASN B 72 11.58 -6.75 6.41
N HIS B 73 11.55 -7.39 5.23
CA HIS B 73 10.86 -8.66 5.12
C HIS B 73 11.64 -9.71 5.82
N THR B 74 12.96 -9.65 5.74
CA THR B 74 13.75 -10.68 6.41
C THR B 74 13.53 -10.56 7.97
N PHE B 75 13.49 -9.34 8.45
CA PHE B 75 13.25 -9.10 9.86
C PHE B 75 11.79 -9.56 10.25
N TYR B 76 10.85 -9.33 9.34
CA TYR B 76 9.47 -9.75 9.52
C TYR B 76 9.30 -11.28 9.67
N TRP B 77 9.92 -12.05 8.76
CA TRP B 77 9.81 -13.52 8.84
C TRP B 77 10.34 -14.01 10.22
N ASN B 78 11.37 -13.34 10.67
CA ASN B 78 11.95 -13.72 11.97
C ASN B 78 11.09 -13.28 13.16
N SER B 79 10.20 -12.30 12.94
CA SER B 79 9.30 -11.79 14.01
C SER B 79 8.12 -12.68 14.30
N LEU B 80 8.03 -13.77 13.54
CA LEU B 80 6.93 -14.78 13.60
C LEU B 80 7.59 -16.12 13.80
N SER B 81 6.85 -17.09 14.35
CA SER B 81 7.38 -18.43 14.55
C SER B 81 6.24 -19.39 14.84
N PRO B 82 6.37 -20.67 14.39
CA PRO B 82 5.32 -21.67 14.67
C PRO B 82 5.26 -21.88 16.20
N ASN B 83 6.28 -21.38 16.93
CA ASN B 83 6.27 -21.52 18.37
C ASN B 83 6.16 -20.19 19.16
N GLY B 84 5.84 -19.10 18.48
CA GLY B 84 5.71 -17.83 19.15
C GLY B 84 4.27 -17.68 19.64
N GLY B 85 3.80 -16.43 19.70
CA GLY B 85 2.47 -16.11 20.19
C GLY B 85 2.37 -16.07 21.71
N GLY B 86 1.23 -15.65 22.23
CA GLY B 86 1.09 -15.68 23.66
C GLY B 86 1.82 -14.58 24.40
N ALA B 87 1.95 -14.80 25.70
CA ALA B 87 2.61 -13.83 26.59
C ALA B 87 4.06 -13.55 26.27
N PRO B 88 4.49 -12.32 26.46
CA PRO B 88 5.91 -12.04 26.20
C PRO B 88 6.67 -12.71 27.40
N THR B 89 7.97 -12.87 27.27
CA THR B 89 8.75 -13.51 28.32
C THR B 89 10.09 -12.77 28.40
N GLY B 90 10.79 -12.91 29.53
CA GLY B 90 12.12 -12.35 29.65
C GLY B 90 12.31 -10.88 29.71
N ALA B 91 13.47 -10.42 29.25
CA ALA B 91 13.75 -9.00 29.28
C ALA B 91 12.68 -8.12 28.57
N VAL B 92 12.16 -8.57 27.42
CA VAL B 92 11.16 -7.79 26.69
C VAL B 92 9.85 -7.69 27.47
N ALA B 93 9.40 -8.76 28.06
CA ALA B 93 8.16 -8.66 28.83
C ALA B 93 8.30 -7.56 29.92
N ASP B 94 9.47 -7.52 30.55
CA ASP B 94 9.71 -6.56 31.60
C ASP B 94 9.72 -5.16 31.11
N ALA B 95 10.41 -4.89 29.98
CA ALA B 95 10.52 -3.53 29.43
C ALA B 95 9.15 -3.15 28.97
N ILE B 96 8.36 -4.14 28.56
CA ILE B 96 6.99 -3.82 28.12
C ILE B 96 6.22 -3.27 29.35
N ASN B 97 6.30 -3.99 30.45
CA ASN B 97 5.65 -3.57 31.68
C ASN B 97 6.15 -2.22 32.18
N ALA B 98 7.47 -1.99 32.02
CA ALA B 98 8.06 -0.74 32.49
C ALA B 98 7.48 0.44 31.76
N LYS B 99 7.29 0.28 30.44
CA LYS B 99 6.81 1.35 29.62
C LYS B 99 5.28 1.51 29.53
N TRP B 100 4.53 0.43 29.41
CA TRP B 100 3.06 0.56 29.23
C TRP B 100 2.26 0.12 30.47
N GLY B 101 2.97 -0.34 31.51
CA GLY B 101 2.29 -0.77 32.73
C GLY B 101 1.87 -2.21 32.63
N SER B 102 1.47 -2.64 31.42
CA SER B 102 1.03 -4.03 31.23
C SER B 102 1.15 -4.52 29.78
N PHE B 103 1.17 -5.83 29.60
CA PHE B 103 1.22 -6.36 28.25
C PHE B 103 -0.05 -5.93 27.52
N ASP B 104 -1.22 -6.06 28.17
CA ASP B 104 -2.49 -5.66 27.53
C ASP B 104 -2.50 -4.23 27.03
N ALA B 105 -2.05 -3.27 27.86
CA ALA B 105 -1.99 -1.89 27.40
C ALA B 105 -1.05 -1.77 26.18
N PHE B 106 0.05 -2.47 26.17
CA PHE B 106 1.02 -2.39 25.05
C PHE B 106 0.37 -2.95 23.78
N LYS B 107 -0.29 -4.09 23.91
CA LYS B 107 -0.96 -4.74 22.78
C LYS B 107 -2.04 -3.80 22.18
N GLU B 108 -2.81 -3.17 23.05
CA GLU B 108 -3.82 -2.25 22.56
C GLU B 108 -3.15 -1.13 21.83
N ALA B 109 -2.08 -0.59 22.41
CA ALA B 109 -1.33 0.48 21.78
C ALA B 109 -0.78 0.06 20.38
N LEU B 110 -0.16 -1.11 20.31
CA LEU B 110 0.40 -1.50 19.03
C LEU B 110 -0.70 -1.72 17.98
N ASN B 111 -1.81 -2.30 18.43
CA ASN B 111 -2.91 -2.60 17.52
C ASN B 111 -3.40 -1.29 17.02
N ASP B 112 -3.48 -0.32 17.93
CA ASP B 112 -4.01 0.97 17.52
C ASP B 112 -3.11 1.60 16.46
N LYS B 113 -1.80 1.54 16.72
CA LYS B 113 -0.86 2.08 15.76
C LYS B 113 -0.95 1.34 14.40
N ALA B 114 -1.04 0.02 14.45
CA ALA B 114 -1.02 -0.75 13.22
C ALA B 114 -2.30 -0.61 12.42
N VAL B 115 -3.47 -0.69 13.05
CA VAL B 115 -4.72 -0.57 12.29
C VAL B 115 -4.79 0.80 11.59
N ASN B 116 -4.29 1.83 12.23
CA ASN B 116 -4.33 3.13 11.61
C ASN B 116 -3.04 3.57 10.87
N ASN B 117 -2.16 2.64 10.55
CA ASN B 117 -0.95 2.95 9.82
C ASN B 117 -1.44 2.99 8.34
N PHE B 118 -1.60 4.20 7.79
CA PHE B 118 -2.20 4.36 6.47
C PHE B 118 -1.36 3.90 5.26
N GLY B 119 -2.02 3.18 4.36
CA GLY B 119 -1.34 2.67 3.17
C GLY B 119 -0.36 1.55 3.49
N SER B 120 0.59 1.36 2.57
CA SER B 120 1.59 0.33 2.69
C SER B 120 2.53 0.86 3.82
N SER B 121 2.76 0.04 4.83
CA SER B 121 3.53 0.43 5.99
C SER B 121 3.90 -0.73 6.85
N TRP B 122 4.69 -0.44 7.88
CA TRP B 122 5.20 -1.40 8.86
C TRP B 122 5.03 -0.79 10.22
N THR B 123 4.65 -1.60 11.20
CA THR B 123 4.53 -1.11 12.57
C THR B 123 5.62 -1.88 13.31
N TRP B 124 6.47 -1.11 14.02
CA TRP B 124 7.61 -1.65 14.76
C TRP B 124 7.59 -1.56 16.30
N LEU B 125 8.15 -2.58 16.95
CA LEU B 125 8.45 -2.48 18.40
C LEU B 125 9.96 -2.09 18.34
N VAL B 126 10.37 -0.96 18.94
CA VAL B 126 11.80 -0.65 18.90
C VAL B 126 12.37 -0.34 20.26
N LYS B 127 13.70 -0.37 20.37
CA LYS B 127 14.36 -0.05 21.62
C LYS B 127 15.07 1.28 21.39
N LEU B 128 14.72 2.26 22.20
CA LEU B 128 15.33 3.59 22.09
C LEU B 128 16.67 3.74 22.81
N ALA B 129 17.35 4.84 22.56
CA ALA B 129 18.65 5.11 23.20
C ALA B 129 18.64 4.89 24.70
N ASP B 130 17.54 5.24 25.37
CA ASP B 130 17.48 5.04 26.84
C ASP B 130 17.26 3.63 27.25
N GLY B 131 17.04 2.72 26.30
CA GLY B 131 16.85 1.36 26.72
C GLY B 131 15.39 1.02 26.92
N SER B 132 14.54 2.02 26.70
CA SER B 132 13.11 1.80 26.86
C SER B 132 12.51 1.37 25.51
N LEU B 133 11.37 0.69 25.57
CA LEU B 133 10.70 0.26 24.35
C LEU B 133 9.73 1.32 23.83
N ASP B 134 9.46 1.26 22.52
CA ASP B 134 8.46 2.13 21.98
C ASP B 134 7.86 1.50 20.72
N ILE B 135 6.80 2.12 20.22
CA ILE B 135 6.18 1.62 19.00
C ILE B 135 6.23 2.72 17.97
N VAL B 136 6.70 2.40 16.78
CA VAL B 136 6.73 3.42 15.74
C VAL B 136 6.23 2.86 14.38
N ASN B 137 5.62 3.73 13.60
CA ASN B 137 5.09 3.36 12.30
C ASN B 137 5.99 3.97 11.25
N THR B 138 6.21 3.23 10.14
CA THR B 138 6.95 3.74 8.99
C THR B 138 6.06 3.46 7.79
N SER B 139 6.22 4.30 6.78
CA SER B 139 5.47 4.23 5.54
C SER B 139 6.33 3.62 4.42
N ASN B 140 5.74 2.73 3.62
CA ASN B 140 6.42 2.05 2.51
C ASN B 140 7.65 1.22 2.83
N ALA B 141 8.87 1.70 2.49
CA ALA B 141 10.06 0.93 2.79
C ALA B 141 10.84 1.49 3.94
N ALA B 142 10.44 2.65 4.46
CA ALA B 142 11.17 3.27 5.57
C ALA B 142 11.29 2.26 6.71
N THR B 143 12.40 2.38 7.43
CA THR B 143 12.67 1.42 8.49
C THR B 143 13.50 2.03 9.63
N PRO B 144 13.25 1.63 10.89
CA PRO B 144 14.05 2.20 11.98
C PRO B 144 15.53 1.84 11.84
N LEU B 145 15.89 0.95 10.94
CA LEU B 145 17.29 0.61 10.75
C LEU B 145 18.13 1.88 10.43
N THR B 146 17.50 2.86 9.80
CA THR B 146 18.25 4.03 9.48
C THR B 146 18.29 5.06 10.57
N ASP B 147 17.72 4.75 11.74
CA ASP B 147 17.74 5.65 12.89
C ASP B 147 18.85 5.33 13.87
N ASP B 148 19.86 6.18 13.90
CA ASP B 148 20.98 5.96 14.80
C ASP B 148 20.45 5.82 16.24
N GLY B 149 20.96 4.85 16.97
CA GLY B 149 20.46 4.71 18.32
C GLY B 149 19.03 4.25 18.51
N VAL B 150 18.43 3.66 17.49
CA VAL B 150 17.07 3.11 17.65
C VAL B 150 17.20 1.66 17.17
N THR B 151 17.06 0.69 18.08
CA THR B 151 17.18 -0.73 17.75
C THR B 151 15.83 -1.44 17.45
N PRO B 152 15.68 -1.98 16.22
CA PRO B 152 14.45 -2.67 15.83
C PRO B 152 14.35 -3.93 16.61
N ILE B 153 13.19 -4.21 17.17
CA ILE B 153 13.13 -5.48 17.87
C ILE B 153 12.08 -6.47 17.28
N LEU B 154 10.99 -5.96 16.71
CA LEU B 154 9.99 -6.82 16.08
C LEU B 154 9.28 -5.93 15.05
N THR B 155 8.76 -6.54 13.98
CA THR B 155 8.02 -5.75 13.02
C THR B 155 6.79 -6.48 12.53
N VAL B 156 5.79 -5.71 12.12
CA VAL B 156 4.62 -6.36 11.49
C VAL B 156 4.33 -5.66 10.18
N ASP B 157 4.34 -6.46 9.13
CA ASP B 157 4.14 -5.95 7.79
C ASP B 157 2.70 -5.59 7.63
N LEU B 158 2.42 -4.34 7.23
CA LEU B 158 1.05 -3.96 7.02
C LEU B 158 0.71 -3.69 5.52
N TRP B 159 1.63 -3.98 4.60
CA TRP B 159 1.28 -3.86 3.20
C TRP B 159 0.11 -4.87 3.03
N GLU B 160 -0.87 -4.54 2.19
CA GLU B 160 -2.01 -5.42 1.99
C GLU B 160 -1.66 -6.82 1.51
N HIS B 161 -0.60 -6.98 0.73
CA HIS B 161 -0.20 -8.32 0.29
C HIS B 161 0.15 -9.23 1.45
N ALA B 162 0.50 -8.67 2.59
CA ALA B 162 0.84 -9.51 3.75
C ALA B 162 -0.39 -10.28 4.34
N TYR B 163 -1.59 -9.75 4.10
CA TYR B 163 -2.75 -10.36 4.72
C TYR B 163 -3.98 -10.48 3.82
N TYR B 164 -3.96 -9.87 2.65
CA TYR B 164 -5.19 -9.87 1.82
C TYR B 164 -5.77 -11.23 1.42
N ILE B 165 -4.90 -12.19 1.11
CA ILE B 165 -5.35 -13.53 0.78
C ILE B 165 -6.11 -14.20 1.89
N ASP B 166 -5.63 -14.05 3.10
CA ASP B 166 -6.23 -14.69 4.28
C ASP B 166 -7.31 -13.88 4.96
N TYR B 167 -7.22 -12.56 4.87
CA TYR B 167 -8.11 -11.73 5.62
C TYR B 167 -8.79 -10.57 4.84
N ARG B 168 -8.47 -10.43 3.56
CA ARG B 168 -9.00 -9.38 2.73
C ARG B 168 -8.77 -8.06 3.44
N ASN B 169 -9.83 -7.28 3.57
CA ASN B 169 -9.75 -5.96 4.21
C ASN B 169 -9.69 -5.90 5.71
N VAL B 170 -9.79 -7.03 6.40
CA VAL B 170 -9.81 -6.99 7.87
C VAL B 170 -8.45 -7.07 8.63
N ARG B 171 -7.78 -5.93 8.82
CA ARG B 171 -6.48 -5.87 9.53
C ARG B 171 -6.60 -6.33 10.96
N PRO B 172 -7.76 -6.05 11.61
CA PRO B 172 -7.80 -6.55 12.99
C PRO B 172 -7.62 -8.07 13.06
N ASP B 173 -8.21 -8.79 12.10
CA ASP B 173 -8.08 -10.25 12.13
C ASP B 173 -6.65 -10.68 11.87
N TYR B 174 -6.03 -10.00 10.91
CA TYR B 174 -4.63 -10.25 10.64
C TYR B 174 -3.80 -10.00 11.94
N LEU B 175 -4.07 -8.93 12.64
CA LEU B 175 -3.32 -8.61 13.86
C LEU B 175 -3.56 -9.71 14.88
N LYS B 176 -4.78 -10.26 14.92
CA LYS B 176 -4.99 -11.36 15.88
C LYS B 176 -4.03 -12.50 15.48
N GLY B 177 -3.87 -12.71 14.17
CA GLY B 177 -2.96 -13.75 13.77
C GLY B 177 -1.51 -13.42 14.18
N PHE B 178 -1.11 -12.18 14.03
CA PHE B 178 0.26 -11.83 14.40
C PHE B 178 0.50 -12.17 15.88
N TRP B 179 -0.48 -11.82 16.71
CA TRP B 179 -0.24 -12.08 18.13
C TRP B 179 -0.14 -13.55 18.45
N SER B 180 -0.64 -14.38 17.53
CA SER B 180 -0.59 -15.82 17.78
C SER B 180 0.72 -16.35 17.30
N LEU B 181 1.43 -15.52 16.56
CA LEU B 181 2.70 -15.93 15.98
C LEU B 181 3.94 -15.17 16.50
N VAL B 182 3.73 -14.04 17.18
CA VAL B 182 4.87 -13.18 17.59
C VAL B 182 6.02 -14.00 18.21
N ASN B 183 7.24 -13.76 17.72
CA ASN B 183 8.44 -14.49 18.15
C ASN B 183 9.17 -13.71 19.28
N TRP B 184 8.78 -14.01 20.50
CA TRP B 184 9.41 -13.37 21.65
C TRP B 184 10.88 -13.71 21.78
N GLU B 185 11.31 -14.89 21.32
CA GLU B 185 12.76 -15.22 21.37
C GLU B 185 13.57 -14.26 20.46
N PHE B 186 13.09 -13.99 19.24
CA PHE B 186 13.79 -13.09 18.35
C PHE B 186 13.76 -11.66 18.98
N ALA B 187 12.65 -11.35 19.62
CA ALA B 187 12.52 -10.04 20.24
C ALA B 187 13.59 -9.83 21.38
N ASN B 188 13.76 -10.84 22.21
CA ASN B 188 14.67 -10.81 23.33
C ASN B 188 16.08 -10.86 22.77
N ALA B 189 16.30 -11.75 21.78
CA ALA B 189 17.63 -11.77 21.14
C ALA B 189 17.98 -10.34 20.69
N ASN B 190 17.05 -9.62 20.07
CA ASN B 190 17.33 -8.26 19.59
C ASN B 190 17.44 -7.24 20.68
N PHE B 191 16.69 -7.46 21.77
CA PHE B 191 16.72 -6.48 22.87
C PHE B 191 18.02 -6.57 23.68
N ALA B 192 18.57 -7.78 23.81
CA ALA B 192 19.79 -8.03 24.57
C ALA B 192 21.11 -7.85 23.80
#